data_1F45
#
_entry.id   1F45
#
_cell.length_a   112.9
_cell.length_b   154.2
_cell.length_c   101.7
_cell.angle_alpha   90
_cell.angle_beta   90
_cell.angle_gamma   90
#
_symmetry.space_group_name_H-M   'C 2 2 21'
#
loop_
_entity.id
_entity.type
_entity.pdbx_description
1 polymer 'INTERLEUKIN-12 BETA CHAIN'
2 polymer 'INTERLEUKIN-12 ALPHA CHAIN'
3 branched alpha-D-mannopyranose-(1-4)-2-acetamido-2-deoxy-beta-D-glucopyranose-(1-4)-2-acetamido-2-deoxy-beta-D-glucopyranose
4 water water
#
loop_
_entity_poly.entity_id
_entity_poly.type
_entity_poly.pdbx_seq_one_letter_code
_entity_poly.pdbx_strand_id
1 'polypeptide(L)'
;IWELKKDVYVVELDWYPDAPGEMVVLTCDTPEEDGITWTLDQSSEVLGSGKTLTIQVKEFGDAGQYTCHKGGEVLSHSLL
LLHKKEDGIWSTDILKDQKEPKNKTFLRCEAKNYSGRFTCWWLTTISTDLTFSVKSSRGSSDPQGVTCGAATLSAERVRG
DNKEYEYSVECQEDSACPAAEESLPIEVMVDAVHKLKYENYTSSFFIRDIIKPDPPKNLQLKPLKNSRQVEVSWEYPDTW
STPHSYFSLTFCVQVQGKSKREKKDRVFTDKTSATVICRKNASISVRAQDRYYSSSWSEWASVPCS
;
A
2 'polypeptide(L)'
;RNLPVATPDPGMFPCLHHSQNLLRAVSNMLQKARQTLEFYPCTSEEIDHEDITKDKTSTVEACLPLELTKNESCLNSRET
SFITNGSCLASRKTSFMMALCLSSIYEDLKMYQVEFKTMNAKLLMDPKRQIFLDQNMLAVIDELMQALNFNSETVPQKSS
LEEPDFYKTKIKLCILLHAFRIRAVTIDRVMSYLNAS
;
B
#
loop_
_chem_comp.id
_chem_comp.type
_chem_comp.name
_chem_comp.formula
MAN D-saccharide, alpha linking alpha-D-mannopyranose 'C6 H12 O6'
NAG D-saccharide, beta linking 2-acetamido-2-deoxy-beta-D-glucopyranose 'C8 H15 N O6'
#
# COMPACT_ATOMS: atom_id res chain seq x y z
N ILE A 1 21.56 -7.00 22.54
CA ILE A 1 20.57 -7.54 23.53
C ILE A 1 19.40 -6.59 23.77
N TRP A 2 18.18 -7.01 23.41
CA TRP A 2 17.07 -6.12 23.64
C TRP A 2 15.77 -6.74 24.04
N GLU A 3 14.88 -5.88 24.54
CA GLU A 3 13.57 -6.33 24.97
C GLU A 3 12.50 -6.15 23.88
N LEU A 4 11.90 -7.30 23.56
CA LEU A 4 10.84 -7.44 22.60
C LEU A 4 9.67 -7.13 23.52
N LYS A 5 8.83 -8.11 23.81
CA LYS A 5 7.69 -7.89 24.69
C LYS A 5 8.09 -8.02 26.16
N LYS A 6 7.09 -8.13 27.04
CA LYS A 6 7.32 -8.26 28.49
C LYS A 6 8.00 -9.57 28.83
N ASP A 7 9.17 -9.50 29.47
CA ASP A 7 9.89 -10.73 29.87
C ASP A 7 10.44 -11.56 28.69
N VAL A 8 10.66 -10.92 27.53
CA VAL A 8 11.22 -11.60 26.37
C VAL A 8 12.30 -10.73 25.75
N TYR A 9 13.36 -11.41 25.32
CA TYR A 9 14.52 -10.76 24.73
C TYR A 9 15.03 -11.38 23.45
N VAL A 10 15.72 -10.56 22.71
CA VAL A 10 16.26 -11.03 21.47
C VAL A 10 17.75 -10.86 21.56
N VAL A 11 18.46 -11.87 21.05
CA VAL A 11 19.91 -11.80 20.98
C VAL A 11 20.31 -11.99 19.51
N GLU A 12 20.90 -10.92 18.96
CA GLU A 12 21.40 -10.86 17.59
C GLU A 12 22.76 -11.52 17.49
N LEU A 13 22.89 -12.48 16.59
CA LEU A 13 24.12 -13.21 16.44
C LEU A 13 24.61 -13.44 15.01
N ASP A 14 25.88 -13.15 14.78
CA ASP A 14 26.44 -13.47 13.46
C ASP A 14 26.40 -15.03 13.56
N TRP A 15 25.75 -15.69 12.63
CA TRP A 15 25.65 -17.11 12.73
C TRP A 15 26.91 -17.80 12.32
N TYR A 16 28.00 -17.08 12.13
CA TYR A 16 29.20 -17.79 11.70
C TYR A 16 29.80 -18.52 12.90
N PRO A 17 30.22 -19.79 12.68
CA PRO A 17 30.80 -20.62 13.73
C PRO A 17 31.90 -19.89 14.51
N ASP A 18 32.80 -19.24 13.78
CA ASP A 18 33.90 -18.58 14.44
C ASP A 18 33.53 -17.25 15.13
N ALA A 19 32.29 -16.80 15.00
CA ALA A 19 31.96 -15.51 15.58
C ALA A 19 31.58 -15.57 17.00
N PRO A 20 31.99 -14.57 17.76
CA PRO A 20 31.75 -14.37 19.19
C PRO A 20 30.27 -14.49 19.53
N GLY A 21 29.97 -14.92 20.73
CA GLY A 21 28.58 -15.02 21.09
C GLY A 21 28.39 -13.74 21.86
N GLU A 22 27.35 -13.66 22.67
CA GLU A 22 27.17 -12.45 23.45
C GLU A 22 27.22 -12.84 24.92
N MET A 23 27.98 -12.09 25.70
CA MET A 23 28.04 -12.40 27.10
C MET A 23 26.78 -11.76 27.64
N VAL A 24 25.78 -12.61 27.89
CA VAL A 24 24.46 -12.21 28.39
C VAL A 24 24.34 -12.33 29.92
N VAL A 25 23.59 -11.38 30.51
CA VAL A 25 23.37 -11.29 31.96
C VAL A 25 21.90 -11.16 32.45
N LEU A 26 21.35 -12.26 32.95
CA LEU A 26 19.97 -12.30 33.42
C LEU A 26 19.68 -11.97 34.89
N THR A 27 19.59 -10.68 35.17
CA THR A 27 19.25 -10.15 36.49
C THR A 27 17.90 -10.78 36.95
N CYS A 28 17.87 -11.57 38.02
CA CYS A 28 16.58 -12.15 38.43
C CYS A 28 15.67 -11.09 39.07
N ASP A 29 14.68 -10.60 38.30
CA ASP A 29 13.75 -9.55 38.75
C ASP A 29 12.80 -10.03 39.88
N THR A 30 13.33 -9.89 41.11
CA THR A 30 12.67 -10.34 42.35
C THR A 30 13.54 -9.91 43.56
N PRO A 31 13.66 -8.58 43.85
CA PRO A 31 14.50 -8.13 45.00
C PRO A 31 14.47 -8.95 46.34
N GLU A 32 15.03 -10.18 46.30
CA GLU A 32 15.10 -11.12 47.46
C GLU A 32 16.52 -11.55 47.86
N GLU A 33 17.55 -11.06 47.16
CA GLU A 33 18.97 -11.36 47.45
C GLU A 33 19.31 -12.84 47.68
N ASP A 34 18.99 -13.35 48.88
CA ASP A 34 19.19 -14.74 49.33
C ASP A 34 19.90 -15.75 48.39
N GLY A 35 20.40 -16.86 48.94
CA GLY A 35 21.02 -17.87 48.09
C GLY A 35 19.96 -18.29 47.07
N ILE A 36 20.19 -18.00 45.78
CA ILE A 36 19.24 -18.27 44.69
C ILE A 36 19.65 -19.30 43.60
N THR A 37 18.70 -20.13 43.19
CA THR A 37 18.91 -21.15 42.16
C THR A 37 18.63 -20.62 40.69
N TRP A 38 19.27 -21.22 39.68
CA TRP A 38 19.14 -20.80 38.24
C TRP A 38 19.01 -21.92 37.17
N THR A 39 17.85 -22.04 36.52
CA THR A 39 17.65 -23.07 35.49
C THR A 39 17.09 -22.65 34.13
N LEU A 40 17.25 -23.55 33.16
CA LEU A 40 16.73 -23.36 31.80
C LEU A 40 15.52 -24.25 31.64
N ASP A 41 14.34 -23.74 31.97
CA ASP A 41 13.07 -24.49 31.86
C ASP A 41 13.08 -25.95 32.39
N GLN A 42 12.59 -26.88 31.55
CA GLN A 42 12.54 -28.34 31.84
C GLN A 42 13.94 -28.94 32.20
N SER A 43 15.00 -28.12 32.01
CA SER A 43 16.41 -28.47 32.31
C SER A 43 16.62 -28.50 33.84
N SER A 44 16.89 -29.71 34.34
CA SER A 44 17.09 -29.97 35.77
C SER A 44 18.41 -29.33 36.31
N GLU A 45 19.46 -29.36 35.46
CA GLU A 45 20.79 -28.83 35.80
C GLU A 45 20.79 -27.38 36.26
N VAL A 46 21.13 -27.11 37.53
CA VAL A 46 21.19 -25.72 37.98
C VAL A 46 22.40 -25.10 37.27
N LEU A 47 22.15 -24.71 36.00
CA LEU A 47 23.13 -24.12 35.06
C LEU A 47 24.00 -23.01 35.70
N GLY A 48 23.44 -22.38 36.73
CA GLY A 48 24.15 -21.34 37.41
C GLY A 48 23.40 -21.08 38.69
N SER A 49 23.87 -20.08 39.43
CA SER A 49 23.21 -19.75 40.66
C SER A 49 23.68 -18.38 41.13
N GLY A 50 23.01 -17.88 42.17
CA GLY A 50 23.33 -16.56 42.68
C GLY A 50 22.08 -15.74 42.39
N LYS A 51 22.25 -14.60 41.75
CA LYS A 51 21.11 -13.71 41.40
C LYS A 51 21.14 -13.36 39.91
N THR A 52 22.30 -12.85 39.52
CA THR A 52 22.64 -12.44 38.17
C THR A 52 23.34 -13.59 37.43
N LEU A 53 22.55 -14.46 36.79
CA LEU A 53 23.14 -15.54 35.99
C LEU A 53 23.91 -14.77 34.90
N THR A 54 24.83 -15.44 34.21
CA THR A 54 25.63 -14.82 33.14
C THR A 54 25.98 -15.95 32.18
N ILE A 55 25.89 -15.70 30.88
CA ILE A 55 26.20 -16.78 29.94
C ILE A 55 26.63 -16.42 28.52
N GLN A 56 27.05 -17.46 27.80
CA GLN A 56 27.51 -17.37 26.42
C GLN A 56 26.44 -17.88 25.45
N VAL A 57 25.92 -16.95 24.70
CA VAL A 57 24.91 -17.29 23.74
C VAL A 57 25.64 -17.47 22.43
N LYS A 58 25.21 -18.43 21.64
CA LYS A 58 25.84 -18.62 20.37
C LYS A 58 25.08 -19.69 19.64
N GLU A 59 24.26 -20.39 20.39
CA GLU A 59 23.48 -21.46 19.78
C GLU A 59 22.09 -21.56 20.40
N PHE A 60 21.18 -22.14 19.64
CA PHE A 60 19.80 -22.29 20.10
C PHE A 60 19.71 -22.99 21.46
N GLY A 61 20.49 -24.05 21.65
CA GLY A 61 20.48 -24.72 22.92
C GLY A 61 20.76 -23.71 24.00
N ASP A 62 21.57 -22.68 23.69
CA ASP A 62 21.92 -21.64 24.66
C ASP A 62 20.78 -20.67 24.85
N ALA A 63 19.71 -20.93 24.11
CA ALA A 63 18.53 -20.09 24.15
C ALA A 63 17.34 -20.77 24.81
N GLY A 64 16.57 -19.98 25.55
CA GLY A 64 15.41 -20.54 26.18
C GLY A 64 14.83 -19.80 27.35
N GLN A 65 13.80 -20.45 27.89
CA GLN A 65 13.08 -19.97 29.01
C GLN A 65 13.96 -20.19 30.22
N TYR A 66 14.63 -19.15 30.69
CA TYR A 66 15.45 -19.27 31.87
C TYR A 66 14.58 -18.99 33.03
N THR A 67 14.92 -19.59 34.16
CA THR A 67 14.10 -19.42 35.34
C THR A 67 14.94 -19.41 36.64
N CYS A 68 14.57 -18.51 37.56
CA CYS A 68 15.26 -18.38 38.84
C CYS A 68 14.29 -18.55 40.02
N SER A 76 11.43 -14.18 39.30
CA SER A 76 11.34 -13.61 37.94
C SER A 76 11.52 -14.62 36.80
N HIS A 77 11.02 -14.21 35.64
CA HIS A 77 11.05 -14.97 34.40
C HIS A 77 12.17 -14.44 33.53
N SER A 78 12.34 -15.04 32.36
CA SER A 78 13.31 -14.59 31.37
C SER A 78 13.42 -15.48 30.16
N LEU A 79 12.84 -15.04 29.05
CA LEU A 79 12.88 -15.80 27.81
C LEU A 79 13.87 -15.21 26.82
N LEU A 80 14.66 -16.08 26.21
CA LEU A 80 15.64 -15.66 25.23
C LEU A 80 15.38 -16.25 23.87
N LEU A 81 15.26 -15.34 22.90
CA LEU A 81 15.04 -15.74 21.54
C LEU A 81 16.19 -15.15 20.78
N LEU A 82 16.61 -15.90 19.75
CA LEU A 82 17.74 -15.49 18.93
C LEU A 82 17.38 -14.94 17.56
N HIS A 83 18.15 -13.94 17.16
CA HIS A 83 17.98 -13.32 15.86
C HIS A 83 19.15 -13.72 15.00
N LYS A 84 18.95 -14.58 14.02
CA LYS A 84 20.09 -14.97 13.21
C LYS A 84 20.63 -13.90 12.25
N LYS A 85 21.92 -13.95 11.94
CA LYS A 85 22.44 -12.99 10.98
C LYS A 85 23.50 -13.68 10.11
N GLU A 86 23.19 -13.90 8.85
CA GLU A 86 24.18 -14.58 8.05
C GLU A 86 24.82 -13.80 6.92
N ASP A 87 26.11 -13.56 7.05
CA ASP A 87 26.88 -12.91 5.98
C ASP A 87 26.40 -11.49 5.72
N GLY A 88 25.75 -10.95 6.76
CA GLY A 88 25.26 -9.59 6.72
C GLY A 88 23.77 -9.54 6.65
N ILE A 89 23.10 -10.64 6.40
CA ILE A 89 21.70 -10.37 6.38
C ILE A 89 20.92 -11.23 7.31
N TRP A 90 19.91 -10.63 7.94
CA TRP A 90 19.03 -11.31 8.88
C TRP A 90 18.29 -12.51 8.25
N SER A 91 17.92 -13.49 9.07
CA SER A 91 17.25 -14.69 8.56
C SER A 91 15.83 -14.40 8.16
N THR A 92 15.36 -15.12 7.14
CA THR A 92 13.97 -15.05 6.66
C THR A 92 13.46 -16.46 6.40
N ASP A 93 13.62 -17.23 7.48
CA ASP A 93 13.29 -18.63 7.49
C ASP A 93 11.84 -18.84 7.68
N ILE A 94 11.29 -18.30 8.75
CA ILE A 94 9.89 -18.50 9.03
C ILE A 94 8.90 -18.22 7.91
N LEU A 95 9.19 -17.29 7.02
CA LEU A 95 8.24 -16.98 5.95
C LEU A 95 8.72 -17.26 4.56
N LYS A 96 7.72 -17.44 3.73
CA LYS A 96 7.99 -17.75 2.35
C LYS A 96 7.98 -16.45 1.51
N ASP A 97 9.03 -16.31 0.71
CA ASP A 97 9.21 -15.18 -0.20
C ASP A 97 8.17 -15.41 -1.29
N GLN A 98 7.00 -14.77 -1.16
CA GLN A 98 5.94 -14.92 -2.14
C GLN A 98 6.44 -14.49 -3.52
N LYS A 99 7.75 -14.22 -3.59
CA LYS A 99 8.42 -13.78 -4.82
C LYS A 99 7.53 -12.79 -5.57
N GLU A 100 6.68 -13.36 -6.44
CA GLU A 100 5.70 -12.69 -7.32
C GLU A 100 5.73 -11.17 -7.46
N PRO A 101 5.52 -10.40 -6.35
CA PRO A 101 5.52 -8.92 -6.39
C PRO A 101 6.87 -8.28 -6.69
N LYS A 102 7.93 -8.74 -6.02
CA LYS A 102 9.26 -8.17 -6.26
C LYS A 102 10.45 -8.88 -5.57
N ASN A 103 10.29 -10.15 -5.18
CA ASN A 103 11.37 -10.90 -4.52
C ASN A 103 11.80 -10.30 -3.21
N LYS A 104 11.74 -11.14 -2.18
CA LYS A 104 12.05 -10.77 -0.81
C LYS A 104 10.78 -10.05 -0.39
N THR A 105 9.67 -10.60 -0.88
CA THR A 105 8.34 -10.13 -0.60
C THR A 105 7.69 -11.21 0.26
N PHE A 106 7.69 -10.96 1.56
CA PHE A 106 7.15 -11.85 2.55
C PHE A 106 5.74 -11.46 2.93
N LEU A 107 5.51 -10.17 3.15
CA LEU A 107 4.20 -9.58 3.49
C LEU A 107 3.51 -8.96 2.27
N ARG A 108 2.29 -9.38 1.98
CA ARG A 108 1.53 -8.80 0.86
C ARG A 108 0.23 -8.17 1.34
N CYS A 109 -0.05 -6.95 0.87
CA CYS A 109 -1.27 -6.28 1.27
C CYS A 109 -2.19 -5.92 0.10
N GLU A 110 -3.43 -5.58 0.45
CA GLU A 110 -4.44 -5.23 -0.52
C GLU A 110 -5.42 -4.27 0.16
N ALA A 111 -6.05 -3.40 -0.61
CA ALA A 111 -7.00 -2.45 -0.07
C ALA A 111 -8.19 -2.55 -1.02
N LYS A 112 -9.39 -2.34 -0.48
CA LYS A 112 -10.62 -2.42 -1.24
C LYS A 112 -11.06 -1.05 -1.71
N ASN A 113 -10.43 0.00 -1.22
CA ASN A 113 -10.81 1.35 -1.59
C ASN A 113 -9.88 2.32 -0.88
N TYR A 114 -10.14 3.61 -0.96
CA TYR A 114 -9.28 4.57 -0.30
C TYR A 114 -9.70 4.81 1.14
N SER A 115 -10.37 3.83 1.74
CA SER A 115 -10.87 3.99 3.10
C SER A 115 -9.80 4.13 4.15
N GLY A 116 -8.64 3.54 3.89
CA GLY A 116 -7.54 3.58 4.84
C GLY A 116 -7.44 2.24 5.55
N ARG A 117 -8.37 1.37 5.20
CA ARG A 117 -8.44 0.05 5.76
C ARG A 117 -7.77 -0.91 4.78
N PHE A 118 -7.08 -1.93 5.29
CA PHE A 118 -6.42 -2.89 4.42
C PHE A 118 -6.03 -4.26 5.05
N THR A 119 -5.92 -5.27 4.21
CA THR A 119 -5.53 -6.56 4.70
C THR A 119 -4.17 -6.89 4.18
N CYS A 120 -3.37 -7.50 5.05
CA CYS A 120 -2.04 -7.99 4.68
C CYS A 120 -2.06 -9.47 5.07
N TRP A 121 -1.30 -10.27 4.33
CA TRP A 121 -1.22 -11.70 4.56
C TRP A 121 0.17 -12.24 4.24
N TRP A 122 0.52 -13.38 4.84
CA TRP A 122 1.78 -14.03 4.54
C TRP A 122 1.70 -15.54 4.58
N LEU A 123 2.80 -16.16 4.21
CA LEU A 123 2.90 -17.61 4.16
C LEU A 123 4.09 -18.19 4.89
N THR A 124 3.84 -19.35 5.49
CA THR A 124 4.85 -20.10 6.24
C THR A 124 4.67 -21.59 5.94
N THR A 125 5.68 -22.42 6.26
CA THR A 125 5.56 -23.87 6.06
C THR A 125 5.33 -24.47 7.45
N ILE A 126 5.52 -23.66 8.46
CA ILE A 126 5.36 -24.07 9.84
C ILE A 126 3.91 -24.29 10.29
N SER A 127 3.76 -25.11 11.34
CA SER A 127 2.46 -25.45 11.94
C SER A 127 2.56 -25.49 13.48
N THR A 128 3.77 -25.76 13.99
CA THR A 128 4.08 -25.86 15.44
C THR A 128 4.05 -24.51 16.18
N ASP A 129 4.84 -24.33 17.22
CA ASP A 129 4.77 -23.05 17.88
C ASP A 129 5.06 -21.98 16.85
N LEU A 130 4.15 -21.02 16.77
CA LEU A 130 4.22 -19.89 15.84
C LEU A 130 3.48 -18.66 16.38
N THR A 131 4.17 -17.73 17.01
CA THR A 131 3.47 -16.54 17.46
C THR A 131 3.81 -15.43 16.44
N PHE A 132 2.90 -14.45 16.30
CA PHE A 132 3.06 -13.33 15.35
C PHE A 132 2.61 -12.00 15.91
N SER A 133 3.47 -11.00 15.89
CA SER A 133 3.04 -9.69 16.37
C SER A 133 2.83 -8.79 15.12
N VAL A 134 2.02 -7.74 15.24
CA VAL A 134 1.76 -6.86 14.10
C VAL A 134 1.51 -5.40 14.47
N LYS A 135 2.31 -4.48 13.93
CA LYS A 135 2.11 -3.05 14.20
C LYS A 135 2.19 -2.30 12.84
N SER A 136 1.86 -1.01 12.81
CA SER A 136 1.89 -0.27 11.54
C SER A 136 1.72 1.21 11.81
N SER A 137 2.17 2.03 10.88
CA SER A 137 1.99 3.47 11.01
C SER A 137 2.26 4.13 9.64
N ARG A 138 1.99 5.43 9.54
CA ARG A 138 2.27 6.11 8.29
C ARG A 138 3.35 7.13 8.51
N GLY A 139 4.49 6.91 7.88
CA GLY A 139 5.61 7.82 8.08
C GLY A 139 6.54 7.20 9.12
N SER A 140 7.75 7.73 9.20
CA SER A 140 8.71 7.22 10.18
C SER A 140 9.16 8.40 11.01
N SER A 141 9.90 9.33 10.38
CA SER A 141 10.35 10.56 11.04
C SER A 141 9.09 11.37 11.38
N ASP A 142 8.35 10.89 12.38
CA ASP A 142 7.08 11.46 12.83
C ASP A 142 5.94 10.60 12.27
N PRO A 143 5.83 9.38 12.79
CA PRO A 143 4.78 8.46 12.36
C PRO A 143 3.40 9.02 12.63
N GLN A 144 2.38 8.40 12.03
CA GLN A 144 0.97 8.77 12.18
C GLN A 144 0.28 7.44 12.45
N GLY A 145 -0.83 7.48 13.17
CA GLY A 145 -1.50 6.24 13.54
C GLY A 145 -2.25 5.30 12.63
N VAL A 146 -1.98 4.02 12.86
CA VAL A 146 -2.64 2.93 12.14
C VAL A 146 -3.02 1.91 13.19
N THR A 147 -4.21 1.37 13.11
CA THR A 147 -4.57 0.42 14.13
C THR A 147 -4.76 -0.95 13.50
N CYS A 148 -4.01 -1.94 13.98
CA CYS A 148 -4.14 -3.25 13.39
C CYS A 148 -4.75 -4.27 14.30
N GLY A 149 -5.40 -5.22 13.66
CA GLY A 149 -6.07 -6.30 14.37
C GLY A 149 -5.11 -7.44 14.63
N ALA A 150 -5.59 -8.66 14.54
CA ALA A 150 -4.70 -9.72 14.87
C ALA A 150 -4.60 -10.89 13.95
N ALA A 151 -3.34 -11.18 13.70
CA ALA A 151 -2.81 -12.27 12.90
C ALA A 151 -3.66 -13.54 12.94
N THR A 152 -3.70 -14.31 11.88
CA THR A 152 -4.56 -15.46 11.95
C THR A 152 -4.51 -16.49 10.84
N LEU A 153 -4.89 -17.73 11.18
CA LEU A 153 -4.94 -18.76 10.15
C LEU A 153 -6.11 -18.37 9.23
N SER A 154 -5.83 -18.30 7.94
CA SER A 154 -6.83 -17.91 6.95
C SER A 154 -7.11 -19.05 5.99
N ALA A 155 -6.07 -19.82 5.69
CA ALA A 155 -6.20 -20.94 4.78
C ALA A 155 -4.95 -21.81 4.82
N GLU A 156 -5.10 -23.05 4.34
CA GLU A 156 -4.01 -24.05 4.29
C GLU A 156 -3.80 -24.64 2.89
N GLU A 164 1.83 -25.54 3.04
CA GLU A 164 1.74 -24.07 3.16
C GLU A 164 0.51 -23.56 3.93
N TYR A 165 0.77 -22.79 4.99
CA TYR A 165 -0.26 -22.22 5.87
C TYR A 165 -0.24 -20.67 5.74
N GLU A 166 -1.40 -20.08 5.47
CA GLU A 166 -1.57 -18.62 5.28
C GLU A 166 -2.14 -17.83 6.46
N TYR A 167 -1.52 -16.70 6.80
CA TYR A 167 -2.00 -15.85 7.92
C TYR A 167 -2.23 -14.50 7.35
N SER A 168 -3.13 -13.76 7.97
CA SER A 168 -3.49 -12.42 7.53
C SER A 168 -3.81 -11.56 8.74
N VAL A 169 -3.95 -10.26 8.50
CA VAL A 169 -4.30 -9.32 9.56
C VAL A 169 -5.00 -8.16 8.87
N GLU A 170 -5.71 -7.34 9.65
CA GLU A 170 -6.48 -6.19 9.16
C GLU A 170 -6.09 -4.94 9.87
N CYS A 171 -5.90 -3.87 9.12
CA CYS A 171 -5.54 -2.61 9.74
C CYS A 171 -6.36 -1.50 9.19
N GLN A 172 -6.37 -0.38 9.88
CA GLN A 172 -7.17 0.77 9.45
C GLN A 172 -6.41 2.05 9.69
N GLU A 173 -6.14 2.83 8.65
CA GLU A 173 -5.43 4.06 8.93
C GLU A 173 -6.37 4.84 9.82
N ASP A 174 -5.82 5.54 10.82
CA ASP A 174 -6.70 6.23 11.77
C ASP A 174 -7.55 7.45 11.42
N SER A 175 -6.98 8.62 11.26
CA SER A 175 -7.89 9.73 10.94
C SER A 175 -7.71 9.98 9.45
N ALA A 176 -8.25 9.02 8.68
CA ALA A 176 -8.13 8.91 7.22
C ALA A 176 -9.13 9.46 6.22
N CYS A 177 -8.71 10.51 5.53
CA CYS A 177 -9.55 11.08 4.48
C CYS A 177 -9.23 10.39 3.15
N PRO A 178 -10.25 9.72 2.58
CA PRO A 178 -10.07 9.02 1.31
C PRO A 178 -9.58 9.95 0.23
N ALA A 179 -9.88 11.26 0.31
CA ALA A 179 -9.45 12.23 -0.71
C ALA A 179 -8.04 12.79 -0.56
N ALA A 180 -7.37 12.45 0.51
CA ALA A 180 -6.02 12.89 0.78
C ALA A 180 -4.95 12.37 -0.18
N GLU A 181 -4.14 13.25 -0.76
CA GLU A 181 -3.03 12.83 -1.62
C GLU A 181 -2.00 12.16 -0.70
N GLU A 182 -1.57 10.92 -0.96
CA GLU A 182 -0.61 10.25 -0.05
C GLU A 182 0.78 10.67 -0.43
N SER A 183 1.67 10.89 0.53
CA SER A 183 3.01 11.25 0.09
C SER A 183 4.08 10.74 1.04
N LEU A 184 3.68 9.92 1.99
CA LEU A 184 4.62 9.29 2.87
C LEU A 184 4.00 7.93 2.91
N PRO A 185 4.79 6.90 2.69
CA PRO A 185 4.10 5.62 2.71
C PRO A 185 3.70 5.01 4.04
N ILE A 186 2.86 3.99 3.96
CA ILE A 186 2.48 3.25 5.13
C ILE A 186 3.50 2.14 5.27
N GLU A 187 3.84 1.82 6.52
CA GLU A 187 4.77 0.74 6.80
C GLU A 187 4.07 -0.31 7.66
N VAL A 188 4.22 -1.59 7.34
CA VAL A 188 3.62 -2.66 8.14
C VAL A 188 4.80 -3.44 8.72
N MET A 189 4.83 -3.63 10.03
CA MET A 189 5.90 -4.35 10.73
C MET A 189 5.40 -5.69 11.26
N VAL A 190 6.02 -6.79 10.86
CA VAL A 190 5.63 -8.10 11.38
C VAL A 190 6.69 -8.91 12.17
N ASP A 191 6.33 -9.29 13.40
CA ASP A 191 7.20 -10.09 14.27
C ASP A 191 6.83 -11.55 14.18
N ALA A 192 7.83 -12.35 13.91
CA ALA A 192 7.65 -13.79 13.78
C ALA A 192 8.55 -14.53 14.75
N VAL A 193 7.96 -15.45 15.49
CA VAL A 193 8.75 -16.25 16.43
C VAL A 193 8.31 -17.70 16.33
N HIS A 194 9.16 -18.49 15.68
CA HIS A 194 8.97 -19.93 15.48
C HIS A 194 9.95 -20.61 16.38
N LYS A 195 9.46 -21.10 17.50
CA LYS A 195 10.31 -21.75 18.47
C LYS A 195 11.08 -20.69 19.22
N LEU A 196 12.40 -20.87 19.27
CA LEU A 196 13.29 -19.95 19.94
C LEU A 196 13.94 -18.90 18.97
N LYS A 197 13.67 -19.05 17.67
CA LYS A 197 14.17 -18.16 16.59
C LYS A 197 13.27 -16.95 16.40
N TYR A 198 13.91 -15.80 16.16
CA TYR A 198 13.19 -14.54 15.97
C TYR A 198 13.46 -13.82 14.66
N GLU A 199 12.45 -13.65 13.85
CA GLU A 199 12.63 -12.88 12.62
C GLU A 199 11.65 -11.67 12.67
N ASN A 200 11.78 -10.73 11.72
CA ASN A 200 10.82 -9.63 11.64
C ASN A 200 10.82 -9.09 10.25
N TYR A 201 9.64 -8.90 9.72
CA TYR A 201 9.47 -8.40 8.35
C TYR A 201 8.93 -6.99 8.23
N THR A 202 9.01 -6.45 7.02
CA THR A 202 8.59 -5.07 6.87
C THR A 202 8.02 -4.82 5.47
N SER A 203 6.97 -4.04 5.36
CA SER A 203 6.43 -3.74 4.03
C SER A 203 6.04 -2.26 3.96
N SER A 204 6.49 -1.57 2.91
CA SER A 204 6.15 -0.15 2.65
C SER A 204 5.32 0.00 1.38
N PHE A 205 4.17 0.69 1.50
CA PHE A 205 3.31 0.94 0.34
C PHE A 205 2.40 2.16 0.54
N PHE A 206 1.83 2.64 -0.57
CA PHE A 206 0.85 3.71 -0.53
C PHE A 206 -0.44 2.97 -0.81
N ILE A 207 -1.50 3.25 -0.05
CA ILE A 207 -2.80 2.59 -0.26
C ILE A 207 -3.25 2.60 -1.73
N ARG A 208 -2.95 3.71 -2.41
CA ARG A 208 -3.35 3.79 -3.81
C ARG A 208 -2.67 2.72 -4.71
N ASP A 209 -1.53 2.19 -4.26
CA ASP A 209 -0.87 1.20 -5.07
C ASP A 209 -1.37 -0.19 -4.75
N ILE A 210 -2.01 -0.38 -3.60
CA ILE A 210 -2.42 -1.75 -3.29
C ILE A 210 -3.91 -2.01 -3.41
N ILE A 211 -4.58 -1.15 -4.14
CA ILE A 211 -6.00 -1.32 -4.29
C ILE A 211 -6.34 -2.43 -5.26
N LYS A 212 -7.38 -3.19 -4.93
CA LYS A 212 -7.93 -4.27 -5.75
C LYS A 212 -9.41 -4.11 -5.43
N PRO A 213 -10.21 -3.62 -6.37
CA PRO A 213 -11.59 -3.48 -5.91
C PRO A 213 -12.51 -4.69 -6.06
N ASP A 214 -13.56 -4.74 -5.23
CA ASP A 214 -14.51 -5.83 -5.34
C ASP A 214 -15.10 -5.81 -6.76
N PRO A 215 -15.86 -6.85 -7.13
CA PRO A 215 -16.40 -6.86 -8.49
C PRO A 215 -17.58 -5.99 -8.77
N PRO A 216 -17.79 -5.71 -10.06
CA PRO A 216 -18.90 -4.90 -10.54
C PRO A 216 -20.14 -5.61 -9.93
N LYS A 217 -21.10 -4.83 -9.44
CA LYS A 217 -22.30 -5.38 -8.81
C LYS A 217 -23.48 -5.44 -9.75
N ASN A 218 -24.20 -6.55 -9.65
CA ASN A 218 -25.38 -6.83 -10.45
C ASN A 218 -25.44 -6.49 -11.96
N LEU A 219 -24.72 -7.28 -12.76
CA LEU A 219 -24.76 -7.11 -14.21
C LEU A 219 -26.18 -7.29 -14.71
N GLN A 220 -26.41 -6.91 -15.96
CA GLN A 220 -27.73 -7.01 -16.57
C GLN A 220 -27.62 -6.94 -18.06
N LEU A 221 -28.37 -7.78 -18.76
CA LEU A 221 -28.38 -7.69 -20.19
C LEU A 221 -29.66 -6.97 -20.51
N LYS A 222 -29.74 -6.38 -21.68
CA LYS A 222 -30.91 -5.63 -22.06
C LYS A 222 -30.84 -5.64 -23.57
N PRO A 223 -30.90 -6.86 -24.15
CA PRO A 223 -30.86 -7.14 -25.58
C PRO A 223 -31.85 -6.26 -26.29
N LEU A 224 -31.56 -5.98 -27.55
CA LEU A 224 -32.42 -5.13 -28.34
C LEU A 224 -32.86 -5.87 -29.60
N LYS A 225 -34.08 -5.55 -30.03
CA LYS A 225 -34.65 -6.17 -31.20
C LYS A 225 -33.85 -5.63 -32.39
N ASN A 226 -33.70 -6.50 -33.39
CA ASN A 226 -32.92 -6.16 -34.58
C ASN A 226 -31.53 -5.87 -33.99
N SER A 227 -30.89 -6.94 -33.51
CA SER A 227 -29.56 -6.85 -32.92
C SER A 227 -29.23 -8.11 -32.13
N ARG A 228 -28.01 -8.60 -32.35
CA ARG A 228 -27.50 -9.75 -31.64
C ARG A 228 -26.58 -9.04 -30.62
N GLN A 229 -26.60 -7.72 -30.78
CA GLN A 229 -25.85 -6.76 -29.99
C GLN A 229 -26.66 -6.44 -28.73
N VAL A 230 -26.04 -6.62 -27.57
CA VAL A 230 -26.69 -6.40 -26.26
C VAL A 230 -26.18 -5.22 -25.44
N GLU A 231 -27.04 -4.68 -24.59
CA GLU A 231 -26.66 -3.58 -23.75
C GLU A 231 -26.35 -4.07 -22.36
N VAL A 232 -25.07 -4.26 -22.04
CA VAL A 232 -24.68 -4.74 -20.72
C VAL A 232 -24.53 -3.61 -19.69
N SER A 233 -24.93 -3.84 -18.45
CA SER A 233 -24.81 -2.81 -17.45
C SER A 233 -24.44 -3.43 -16.08
N TRP A 234 -24.06 -2.59 -15.12
CA TRP A 234 -23.72 -3.07 -13.77
C TRP A 234 -23.68 -1.83 -12.93
N GLU A 235 -23.21 -1.96 -11.70
CA GLU A 235 -23.10 -0.83 -10.77
C GLU A 235 -21.83 -0.97 -9.95
N TYR A 236 -21.37 0.13 -9.36
CA TYR A 236 -20.17 0.13 -8.52
C TYR A 236 -20.35 -0.83 -7.32
N PRO A 237 -19.30 -1.58 -6.91
CA PRO A 237 -19.47 -2.49 -5.77
C PRO A 237 -19.71 -1.67 -4.53
N ASP A 238 -20.41 -2.24 -3.56
CA ASP A 238 -20.75 -1.52 -2.35
C ASP A 238 -19.62 -0.98 -1.49
N THR A 239 -18.49 -1.68 -1.49
CA THR A 239 -17.32 -1.27 -0.72
C THR A 239 -16.51 -0.18 -1.37
N TRP A 240 -16.73 0.11 -2.66
CA TRP A 240 -15.90 1.13 -3.32
C TRP A 240 -16.10 2.49 -2.74
N SER A 241 -15.15 3.39 -2.98
CA SER A 241 -15.27 4.71 -2.41
C SER A 241 -16.27 5.55 -3.12
N THR A 242 -16.89 6.43 -2.34
CA THR A 242 -17.86 7.40 -2.86
C THR A 242 -17.30 8.77 -2.45
N PRO A 243 -17.60 9.81 -3.23
CA PRO A 243 -18.42 9.81 -4.45
C PRO A 243 -17.74 9.13 -5.65
N HIS A 244 -18.42 8.21 -6.30
CA HIS A 244 -17.85 7.52 -7.43
C HIS A 244 -17.23 8.36 -8.52
N SER A 245 -17.87 9.43 -8.95
CA SER A 245 -17.29 10.25 -10.03
C SER A 245 -15.91 10.81 -9.60
N TYR A 246 -15.68 10.92 -8.30
CA TYR A 246 -14.40 11.36 -7.82
C TYR A 246 -13.44 10.14 -7.81
N PHE A 247 -13.83 9.04 -7.17
CA PHE A 247 -13.00 7.83 -7.16
C PHE A 247 -13.46 6.89 -8.30
N SER A 248 -13.02 7.23 -9.50
CA SER A 248 -13.37 6.49 -10.70
C SER A 248 -12.69 5.16 -10.79
N LEU A 249 -13.42 4.20 -11.33
CA LEU A 249 -12.83 2.89 -11.57
C LEU A 249 -12.90 2.83 -13.07
N THR A 250 -12.00 2.10 -13.72
CA THR A 250 -12.20 1.91 -15.14
C THR A 250 -12.65 0.40 -15.16
N PHE A 251 -13.58 0.04 -16.04
CA PHE A 251 -14.11 -1.36 -16.14
C PHE A 251 -13.75 -2.03 -17.42
N CYS A 252 -13.41 -3.31 -17.38
CA CYS A 252 -13.12 -4.04 -18.62
C CYS A 252 -14.34 -4.96 -18.83
N VAL A 253 -14.93 -4.90 -20.02
CA VAL A 253 -16.11 -5.72 -20.34
C VAL A 253 -15.76 -6.77 -21.40
N GLN A 254 -15.77 -8.04 -21.00
CA GLN A 254 -15.41 -9.14 -21.88
C GLN A 254 -16.49 -10.19 -22.20
N VAL A 255 -16.35 -10.79 -23.37
CA VAL A 255 -17.25 -11.84 -23.80
C VAL A 255 -16.44 -13.07 -24.22
N GLN A 256 -16.79 -14.25 -23.72
CA GLN A 256 -16.06 -15.45 -24.14
C GLN A 256 -16.69 -16.80 -23.77
N LYS A 264 -9.84 -11.85 -28.68
CA LYS A 264 -9.94 -10.89 -27.57
C LYS A 264 -11.38 -10.38 -27.34
N ASP A 265 -11.75 -9.28 -28.01
CA ASP A 265 -13.09 -8.67 -27.91
C ASP A 265 -13.49 -8.18 -26.49
N ARG A 266 -12.81 -7.11 -26.06
CA ARG A 266 -13.04 -6.53 -24.76
C ARG A 266 -13.64 -5.18 -25.03
N VAL A 267 -14.06 -4.53 -23.96
CA VAL A 267 -14.55 -3.19 -24.02
C VAL A 267 -14.14 -2.49 -22.72
N PHE A 268 -13.33 -1.44 -22.86
CA PHE A 268 -12.87 -0.67 -21.72
C PHE A 268 -13.72 0.60 -21.67
N THR A 269 -14.15 0.96 -20.47
CA THR A 269 -14.99 2.14 -20.24
C THR A 269 -15.00 2.55 -18.76
N ASP A 270 -15.47 3.77 -18.50
CA ASP A 270 -15.58 4.28 -17.16
C ASP A 270 -17.03 4.58 -16.94
N LYS A 271 -17.84 4.09 -17.87
CA LYS A 271 -19.29 4.22 -17.79
C LYS A 271 -19.77 2.93 -17.05
N THR A 272 -21.05 2.85 -16.71
CA THR A 272 -21.51 1.63 -16.06
C THR A 272 -22.38 0.78 -16.95
N SER A 273 -22.09 0.83 -18.25
CA SER A 273 -22.78 0.10 -19.31
C SER A 273 -21.87 -0.04 -20.52
N ALA A 274 -22.32 -0.80 -21.51
CA ALA A 274 -21.53 -1.00 -22.72
C ALA A 274 -22.36 -1.78 -23.74
N THR A 275 -21.88 -1.87 -24.97
CA THR A 275 -22.63 -2.61 -25.94
C THR A 275 -21.77 -3.68 -26.54
N VAL A 276 -22.24 -4.92 -26.41
CA VAL A 276 -21.53 -6.09 -26.91
C VAL A 276 -22.36 -6.93 -27.85
N ILE A 277 -21.81 -8.08 -28.19
CA ILE A 277 -22.45 -9.01 -29.10
C ILE A 277 -22.41 -10.40 -28.52
N CYS A 278 -23.59 -10.97 -28.29
CA CYS A 278 -23.69 -12.29 -27.69
C CYS A 278 -23.54 -13.55 -28.58
N ARG A 279 -23.25 -14.68 -27.93
CA ARG A 279 -23.08 -15.96 -28.62
C ARG A 279 -23.43 -17.08 -27.64
N SER A 283 -19.65 -16.34 -22.24
CA SER A 283 -20.65 -15.49 -21.57
C SER A 283 -20.19 -14.02 -21.54
N ILE A 284 -20.80 -13.21 -20.68
CA ILE A 284 -20.43 -11.80 -20.49
C ILE A 284 -19.86 -11.48 -19.08
N SER A 285 -18.64 -11.00 -19.00
CA SER A 285 -18.10 -10.64 -17.68
C SER A 285 -17.53 -9.20 -17.59
N VAL A 286 -17.41 -8.72 -16.36
CA VAL A 286 -16.93 -7.39 -16.09
C VAL A 286 -16.08 -7.37 -14.84
N ARG A 287 -14.93 -6.71 -14.89
CA ARG A 287 -14.10 -6.59 -13.68
C ARG A 287 -13.75 -5.10 -13.63
N ALA A 288 -13.28 -4.62 -12.47
CA ALA A 288 -12.92 -3.21 -12.25
C ALA A 288 -11.47 -2.97 -11.86
N GLN A 289 -11.05 -1.73 -12.05
CA GLN A 289 -9.68 -1.28 -11.82
C GLN A 289 -9.63 0.16 -11.32
N ASP A 290 -8.75 0.50 -10.38
CA ASP A 290 -8.67 1.93 -10.03
C ASP A 290 -8.34 2.64 -11.35
N ARG A 291 -8.81 3.87 -11.52
CA ARG A 291 -8.62 4.59 -12.78
C ARG A 291 -7.26 5.15 -12.97
N TYR A 292 -6.53 5.25 -11.87
CA TYR A 292 -5.24 5.92 -11.88
C TYR A 292 -3.94 5.28 -11.44
N TYR A 293 -4.02 4.40 -10.46
CA TYR A 293 -2.85 3.80 -9.86
C TYR A 293 -2.78 2.31 -9.96
N SER A 294 -3.11 1.63 -8.84
CA SER A 294 -3.06 0.14 -8.79
C SER A 294 -3.71 -0.48 -9.97
N SER A 295 -3.05 -1.45 -10.57
CA SER A 295 -3.62 -2.09 -11.74
C SER A 295 -4.37 -3.39 -11.44
N SER A 296 -4.29 -3.84 -10.22
CA SER A 296 -5.00 -5.03 -9.77
C SER A 296 -6.47 -4.93 -10.18
N TRP A 297 -6.92 -5.84 -11.06
CA TRP A 297 -8.31 -5.92 -11.50
C TRP A 297 -9.10 -6.65 -10.43
N SER A 298 -10.40 -6.44 -10.41
CA SER A 298 -11.29 -7.07 -9.45
C SER A 298 -11.66 -8.44 -10.03
N GLU A 299 -12.09 -9.36 -9.16
CA GLU A 299 -12.54 -10.67 -9.62
C GLU A 299 -13.69 -10.43 -10.62
N TRP A 300 -13.75 -11.25 -11.67
CA TRP A 300 -14.78 -11.14 -12.69
C TRP A 300 -16.21 -11.30 -12.14
N ALA A 301 -17.16 -10.68 -12.84
CA ALA A 301 -18.56 -10.80 -12.48
C ALA A 301 -19.16 -11.28 -13.82
N SER A 302 -19.91 -12.38 -13.82
CA SER A 302 -20.43 -12.80 -15.11
C SER A 302 -21.94 -12.94 -15.23
N VAL A 303 -22.37 -13.14 -16.46
CA VAL A 303 -23.76 -13.32 -16.80
C VAL A 303 -23.85 -14.21 -18.08
N PRO A 304 -24.89 -15.07 -18.17
CA PRO A 304 -25.08 -15.94 -19.33
C PRO A 304 -25.53 -15.08 -20.51
N CYS A 305 -24.83 -15.19 -21.64
CA CYS A 305 -25.19 -14.38 -22.80
C CYS A 305 -26.63 -14.55 -23.32
N SER A 306 -27.11 -15.79 -23.38
CA SER A 306 -28.47 -16.08 -23.86
C SER A 306 -29.54 -15.54 -22.88
N GLN B 20 -14.28 18.23 -23.37
CA GLN B 20 -14.17 16.78 -23.25
C GLN B 20 -13.03 16.26 -24.07
N ASN B 21 -12.59 17.09 -25.01
CA ASN B 21 -11.45 16.75 -25.86
C ASN B 21 -10.23 16.95 -24.94
N LEU B 22 -10.48 17.72 -23.89
CA LEU B 22 -9.53 18.09 -22.84
C LEU B 22 -9.40 16.96 -21.86
N LEU B 23 -10.55 16.56 -21.35
CA LEU B 23 -10.61 15.47 -20.41
C LEU B 23 -9.81 14.25 -20.88
N ARG B 24 -9.87 13.97 -22.18
CA ARG B 24 -9.15 12.84 -22.71
C ARG B 24 -7.66 13.14 -22.75
N ALA B 25 -7.34 14.38 -23.09
CA ALA B 25 -5.93 14.76 -23.16
C ALA B 25 -5.39 14.57 -21.74
N VAL B 26 -6.16 15.03 -20.76
CA VAL B 26 -5.69 14.88 -19.41
C VAL B 26 -5.56 13.40 -19.08
N SER B 27 -6.60 12.63 -19.41
CA SER B 27 -6.59 11.22 -19.12
C SER B 27 -5.54 10.38 -19.83
N ASN B 28 -5.21 10.69 -21.07
CA ASN B 28 -4.12 9.97 -21.77
C ASN B 28 -2.76 10.30 -21.11
N MET B 29 -2.59 11.54 -20.62
CA MET B 29 -1.32 11.86 -20.04
C MET B 29 -1.24 11.02 -18.76
N LEU B 30 -2.36 10.93 -18.07
CA LEU B 30 -2.29 10.17 -16.84
C LEU B 30 -2.04 8.70 -17.10
N GLN B 31 -2.59 8.18 -18.17
CA GLN B 31 -2.40 6.79 -18.45
C GLN B 31 -0.96 6.60 -18.77
N LYS B 32 -0.43 7.46 -19.62
CA LYS B 32 0.98 7.37 -19.95
C LYS B 32 1.88 7.58 -18.72
N ALA B 33 1.54 8.53 -17.82
CA ALA B 33 2.39 8.63 -16.65
C ALA B 33 2.34 7.29 -15.94
N ARG B 34 1.12 6.80 -15.70
CA ARG B 34 0.89 5.54 -15.01
C ARG B 34 1.70 4.40 -15.62
N GLN B 35 1.72 4.33 -16.95
CA GLN B 35 2.42 3.23 -17.56
C GLN B 35 3.92 3.34 -17.47
N THR B 36 4.47 4.51 -17.72
CA THR B 36 5.92 4.62 -17.70
C THR B 36 6.63 5.18 -16.50
N LEU B 37 5.97 5.63 -15.44
CA LEU B 37 6.74 6.22 -14.36
C LEU B 37 7.78 5.36 -13.63
N GLU B 38 7.71 4.03 -13.77
CA GLU B 38 8.72 3.16 -13.10
C GLU B 38 10.14 3.33 -13.74
N PHE B 39 10.13 3.56 -15.05
CA PHE B 39 11.32 3.72 -15.85
C PHE B 39 11.98 5.09 -15.58
N TYR B 40 11.48 5.75 -14.53
CA TYR B 40 11.99 7.05 -14.05
C TYR B 40 12.20 6.83 -12.54
N PRO B 41 13.45 6.47 -12.16
CA PRO B 41 14.08 6.15 -10.88
C PRO B 41 13.49 6.76 -9.62
N CYS B 42 14.35 7.53 -8.93
CA CYS B 42 14.02 8.24 -7.68
C CYS B 42 13.00 7.57 -6.75
N SER B 58 -4.51 24.73 -0.56
CA SER B 58 -4.73 23.30 -0.79
C SER B 58 -5.85 22.86 -1.72
N THR B 59 -5.48 22.43 -2.91
CA THR B 59 -6.44 22.02 -3.92
C THR B 59 -7.38 20.87 -3.50
N VAL B 60 -6.84 19.89 -2.80
CA VAL B 60 -7.66 18.77 -2.37
C VAL B 60 -8.86 19.19 -1.55
N GLU B 61 -8.67 20.16 -0.66
CA GLU B 61 -9.76 20.58 0.21
C GLU B 61 -10.57 21.63 -0.47
N ALA B 62 -9.89 22.63 -1.00
CA ALA B 62 -10.59 23.67 -1.67
C ALA B 62 -11.58 23.07 -2.68
N CYS B 63 -11.31 21.85 -3.17
CA CYS B 63 -12.18 21.22 -4.13
C CYS B 63 -12.70 19.95 -3.53
N LEU B 64 -12.87 19.91 -2.22
CA LEU B 64 -13.38 18.70 -1.62
C LEU B 64 -14.87 18.52 -1.97
N PRO B 65 -15.27 17.31 -2.36
CA PRO B 65 -16.67 17.03 -2.71
C PRO B 65 -17.59 17.20 -1.52
N LEU B 66 -18.81 17.68 -1.74
CA LEU B 66 -19.71 17.88 -0.62
C LEU B 66 -19.82 16.66 0.20
N GLU B 67 -20.11 15.56 -0.45
CA GLU B 67 -20.27 14.36 0.30
C GLU B 67 -19.16 13.98 1.22
N LEU B 68 -17.91 14.26 0.87
CA LEU B 68 -16.79 13.88 1.76
C LEU B 68 -16.73 14.71 3.06
N THR B 69 -17.63 15.68 3.14
CA THR B 69 -17.75 16.55 4.28
C THR B 69 -18.37 15.78 5.47
N LYS B 70 -19.34 14.94 5.15
CA LYS B 70 -19.98 14.11 6.12
C LYS B 70 -18.95 13.27 6.88
N ASN B 71 -17.69 13.23 6.43
CA ASN B 71 -16.67 12.39 7.09
C ASN B 71 -15.68 13.20 7.88
N GLU B 72 -15.75 12.97 9.19
CA GLU B 72 -14.93 13.63 10.21
C GLU B 72 -13.60 14.21 9.75
N SER B 73 -12.72 13.28 9.43
CA SER B 73 -11.34 13.50 9.03
C SER B 73 -10.95 14.13 7.68
N CYS B 74 -11.82 14.86 7.00
CA CYS B 74 -11.40 15.40 5.70
C CYS B 74 -11.03 16.89 5.55
N THR B 80 -14.31 25.55 6.02
CA THR B 80 -14.93 24.26 5.70
C THR B 80 -15.66 24.20 4.34
N SER B 81 -14.89 24.50 3.29
CA SER B 81 -15.37 24.52 1.93
C SER B 81 -15.63 23.22 1.20
N PHE B 82 -16.29 23.34 0.06
CA PHE B 82 -16.55 22.15 -0.72
C PHE B 82 -17.14 22.52 -2.09
N ILE B 83 -17.23 21.54 -2.97
CA ILE B 83 -17.84 21.75 -4.28
C ILE B 83 -18.92 20.72 -4.38
N THR B 84 -19.79 20.90 -5.37
CA THR B 84 -20.91 19.98 -5.56
C THR B 84 -21.02 19.45 -6.98
N ASN B 85 -21.74 18.33 -7.12
CA ASN B 85 -21.99 17.65 -8.38
C ASN B 85 -22.38 18.53 -9.56
N GLY B 86 -22.77 19.77 -9.27
CA GLY B 86 -23.14 20.70 -10.33
C GLY B 86 -21.93 21.50 -10.86
N SER B 87 -21.51 21.22 -12.10
CA SER B 87 -20.39 21.96 -12.69
C SER B 87 -20.17 21.68 -14.17
N SER B 95 -20.62 28.17 -4.85
CA SER B 95 -20.21 28.91 -6.02
C SER B 95 -19.01 29.80 -5.82
N PHE B 96 -18.89 30.43 -4.66
CA PHE B 96 -17.69 31.21 -4.46
C PHE B 96 -16.63 30.08 -4.20
N MET B 97 -17.09 29.03 -3.50
CA MET B 97 -16.27 27.87 -3.17
C MET B 97 -15.77 27.29 -4.48
N MET B 98 -16.65 27.27 -5.46
CA MET B 98 -16.33 26.79 -6.78
C MET B 98 -15.13 27.60 -7.33
N ALA B 99 -15.23 28.92 -7.38
CA ALA B 99 -14.10 29.69 -7.91
C ALA B 99 -12.84 29.55 -7.07
N LEU B 100 -12.98 29.27 -5.76
CA LEU B 100 -11.80 29.05 -4.93
C LEU B 100 -11.07 27.82 -5.43
N CYS B 101 -11.85 26.75 -5.65
CA CYS B 101 -11.38 25.46 -6.14
C CYS B 101 -10.63 25.65 -7.43
N LEU B 102 -11.34 26.17 -8.42
CA LEU B 102 -10.74 26.44 -9.73
C LEU B 102 -9.50 27.33 -9.63
N SER B 103 -9.56 28.39 -8.81
CA SER B 103 -8.41 29.30 -8.64
C SER B 103 -7.24 28.46 -8.11
N SER B 104 -7.53 27.62 -7.13
CA SER B 104 -6.49 26.80 -6.58
C SER B 104 -5.88 25.89 -7.64
N ILE B 105 -6.72 25.27 -8.48
CA ILE B 105 -6.20 24.40 -9.50
C ILE B 105 -5.31 25.23 -10.38
N TYR B 106 -5.82 26.36 -10.84
CA TYR B 106 -5.04 27.23 -11.73
C TYR B 106 -3.68 27.67 -11.16
N GLU B 107 -3.58 27.83 -9.85
CA GLU B 107 -2.31 28.26 -9.30
C GLU B 107 -1.32 27.15 -9.34
N ASP B 108 -1.82 25.96 -9.02
CA ASP B 108 -1.04 24.72 -9.04
C ASP B 108 -0.40 24.55 -10.41
N LEU B 109 -1.21 24.76 -11.46
CA LEU B 109 -0.71 24.64 -12.80
C LEU B 109 0.37 25.66 -13.11
N LYS B 110 0.20 26.92 -12.71
CA LYS B 110 1.23 27.94 -12.96
C LYS B 110 2.58 27.51 -12.30
N MET B 111 2.50 27.00 -11.08
CA MET B 111 3.73 26.55 -10.46
C MET B 111 4.42 25.54 -11.33
N TYR B 112 3.69 24.48 -11.72
CA TYR B 112 4.27 23.43 -12.56
C TYR B 112 4.67 23.88 -13.94
N GLN B 113 3.91 24.77 -14.53
CA GLN B 113 4.32 25.25 -15.84
C GLN B 113 5.71 25.84 -15.88
N VAL B 114 6.09 26.54 -14.80
CA VAL B 114 7.39 27.19 -14.71
C VAL B 114 8.42 26.12 -14.54
N GLU B 115 8.17 25.23 -13.59
CA GLU B 115 9.06 24.10 -13.34
C GLU B 115 9.33 23.37 -14.67
N PHE B 116 8.30 22.91 -15.38
CA PHE B 116 8.61 22.21 -16.60
C PHE B 116 9.39 23.01 -17.65
N LYS B 117 9.10 24.28 -17.85
CA LYS B 117 9.85 25.07 -18.84
C LYS B 117 11.32 25.25 -18.44
N THR B 118 11.57 25.44 -17.15
CA THR B 118 12.91 25.60 -16.68
C THR B 118 13.68 24.34 -16.99
N MET B 119 13.10 23.20 -16.62
CA MET B 119 13.71 21.90 -16.84
C MET B 119 14.03 21.67 -18.31
N ASN B 120 13.01 21.85 -19.12
CA ASN B 120 13.11 21.67 -20.53
C ASN B 120 14.19 22.55 -21.11
N ALA B 121 14.43 23.71 -20.53
CA ALA B 121 15.49 24.57 -21.05
C ALA B 121 16.79 23.88 -20.73
N LYS B 122 17.02 23.56 -19.43
CA LYS B 122 18.25 22.85 -19.08
C LYS B 122 18.35 21.64 -20.02
N LEU B 123 17.50 20.64 -19.83
CA LEU B 123 17.46 19.43 -20.63
C LEU B 123 17.78 19.46 -22.14
N LEU B 124 17.54 20.59 -22.79
CA LEU B 124 17.78 20.64 -24.22
C LEU B 124 19.22 20.39 -24.71
N MET B 125 20.18 20.46 -23.77
CA MET B 125 21.60 20.30 -24.06
C MET B 125 21.96 18.87 -24.22
N ASP B 126 21.09 17.99 -23.75
CA ASP B 126 21.33 16.57 -23.87
C ASP B 126 20.90 16.21 -25.28
N PRO B 127 21.86 15.98 -26.17
CA PRO B 127 21.58 15.64 -27.55
C PRO B 127 20.48 14.62 -27.73
N LYS B 128 20.17 13.91 -26.67
CA LYS B 128 19.08 12.92 -26.72
C LYS B 128 17.80 13.75 -26.83
N ARG B 129 18.02 15.06 -26.95
CA ARG B 129 17.07 16.22 -27.01
C ARG B 129 16.18 16.02 -25.81
N GLN B 130 14.91 16.28 -25.98
CA GLN B 130 14.08 15.96 -24.82
C GLN B 130 13.44 14.52 -25.00
N ILE B 131 12.41 14.20 -24.26
CA ILE B 131 11.92 12.87 -24.41
C ILE B 131 10.50 13.22 -24.38
N PHE B 132 9.70 12.67 -23.50
CA PHE B 132 8.37 13.04 -23.74
C PHE B 132 7.38 13.23 -22.63
N LEU B 133 7.42 12.45 -21.55
CA LEU B 133 6.38 12.58 -20.52
C LEU B 133 6.24 14.06 -20.08
N ASP B 134 7.37 14.73 -19.82
CA ASP B 134 7.32 16.11 -19.44
C ASP B 134 6.69 17.00 -20.51
N GLN B 135 6.90 16.70 -21.79
CA GLN B 135 6.30 17.54 -22.81
C GLN B 135 4.83 17.24 -22.89
N ASN B 136 4.50 16.06 -22.42
CA ASN B 136 3.13 15.67 -22.39
C ASN B 136 2.44 16.43 -21.28
N MET B 137 3.00 16.27 -20.08
CA MET B 137 2.49 16.94 -18.90
C MET B 137 2.39 18.43 -19.17
N LEU B 138 3.43 19.00 -19.77
CA LEU B 138 3.41 20.43 -20.08
C LEU B 138 2.30 20.84 -21.04
N ALA B 139 2.18 20.15 -22.17
CA ALA B 139 1.09 20.48 -23.05
C ALA B 139 -0.24 20.43 -22.29
N VAL B 140 -0.43 19.44 -21.43
CA VAL B 140 -1.71 19.36 -20.73
C VAL B 140 -1.89 20.51 -19.78
N ILE B 141 -0.81 20.88 -19.13
CA ILE B 141 -0.81 22.02 -18.22
C ILE B 141 -1.23 23.24 -19.04
N ASP B 142 -0.52 23.56 -20.12
CA ASP B 142 -0.89 24.69 -20.98
C ASP B 142 -2.39 24.62 -21.35
N GLU B 143 -2.82 23.49 -21.90
CA GLU B 143 -4.22 23.36 -22.28
C GLU B 143 -5.12 23.59 -21.09
N LEU B 144 -4.86 22.97 -19.96
CA LEU B 144 -5.73 23.19 -18.81
C LEU B 144 -5.80 24.67 -18.38
N MET B 145 -4.66 25.33 -18.39
CA MET B 145 -4.61 26.74 -18.03
C MET B 145 -5.44 27.58 -19.00
N GLN B 146 -5.30 27.32 -20.29
CA GLN B 146 -6.09 28.10 -21.24
C GLN B 146 -7.56 27.95 -20.90
N ALA B 147 -8.05 26.73 -20.86
CA ALA B 147 -9.43 26.50 -20.54
C ALA B 147 -9.88 27.14 -19.25
N LEU B 148 -9.00 27.30 -18.26
CA LEU B 148 -9.44 27.88 -16.97
C LEU B 148 -9.60 29.40 -16.83
N TYR B 167 22.52 14.40 -14.97
CA TYR B 167 21.99 13.42 -14.04
C TYR B 167 21.37 14.15 -12.87
N LYS B 168 22.14 15.06 -12.29
CA LYS B 168 21.61 15.85 -11.19
C LYS B 168 20.26 16.34 -11.70
N THR B 169 20.26 16.95 -12.87
CA THR B 169 19.03 17.46 -13.42
C THR B 169 18.03 16.40 -13.86
N LYS B 170 18.51 15.23 -14.27
CA LYS B 170 17.56 14.21 -14.65
C LYS B 170 16.81 13.69 -13.41
N ILE B 171 17.43 13.79 -12.24
CA ILE B 171 16.78 13.36 -10.99
C ILE B 171 15.69 14.39 -10.63
N LYS B 172 16.04 15.68 -10.67
CA LYS B 172 15.11 16.74 -10.32
C LYS B 172 13.83 16.61 -11.17
N LEU B 173 14.01 16.06 -12.37
CA LEU B 173 12.92 15.84 -13.32
C LEU B 173 12.08 14.63 -12.92
N CYS B 174 12.74 13.57 -12.46
CA CYS B 174 12.04 12.37 -12.05
C CYS B 174 11.10 12.74 -10.94
N ILE B 175 11.67 13.46 -9.98
CA ILE B 175 10.91 13.91 -8.86
C ILE B 175 9.64 14.69 -9.20
N LEU B 176 9.74 15.50 -10.24
CA LEU B 176 8.66 16.35 -10.65
C LEU B 176 7.54 15.67 -11.43
N LEU B 177 7.95 14.75 -12.31
CA LEU B 177 7.01 14.01 -13.12
C LEU B 177 6.10 13.32 -12.15
N HIS B 178 6.70 12.84 -11.08
CA HIS B 178 5.96 12.13 -10.04
C HIS B 178 5.01 13.06 -9.29
N ALA B 179 5.53 14.16 -8.81
CA ALA B 179 4.73 15.06 -8.00
C ALA B 179 3.55 15.63 -8.73
N PHE B 180 3.72 15.82 -10.01
CA PHE B 180 2.63 16.35 -10.79
C PHE B 180 1.62 15.28 -11.13
N ARG B 181 2.06 14.04 -11.31
CA ARG B 181 1.11 13.00 -11.69
C ARG B 181 0.06 12.90 -10.60
N ILE B 182 0.55 12.93 -9.37
CA ILE B 182 -0.25 12.83 -8.18
C ILE B 182 -1.25 13.95 -8.14
N ARG B 183 -0.80 15.14 -8.51
CA ARG B 183 -1.66 16.30 -8.57
C ARG B 183 -2.60 16.36 -9.82
N ALA B 184 -2.14 15.99 -11.02
CA ALA B 184 -3.04 16.00 -12.20
C ALA B 184 -4.17 15.05 -11.83
N VAL B 185 -3.82 13.95 -11.14
CA VAL B 185 -4.84 13.00 -10.74
C VAL B 185 -5.96 13.68 -9.96
N THR B 186 -5.60 14.39 -8.89
CA THR B 186 -6.57 15.12 -8.12
C THR B 186 -7.43 16.01 -9.04
N ILE B 187 -6.76 16.86 -9.83
CA ILE B 187 -7.40 17.79 -10.76
C ILE B 187 -8.34 16.95 -11.56
N ASP B 188 -7.84 15.84 -12.11
CA ASP B 188 -8.72 14.99 -12.90
C ASP B 188 -9.91 14.44 -12.13
N ARG B 189 -9.75 14.18 -10.86
CA ARG B 189 -10.88 13.69 -10.10
C ARG B 189 -11.91 14.82 -9.97
N VAL B 190 -11.49 16.05 -9.66
CA VAL B 190 -12.52 17.09 -9.49
C VAL B 190 -13.13 17.38 -10.82
N MET B 191 -12.31 17.38 -11.84
CA MET B 191 -12.92 17.63 -13.11
C MET B 191 -13.99 16.57 -13.43
N SER B 192 -13.73 15.31 -13.09
CA SER B 192 -14.68 14.24 -13.38
C SER B 192 -15.88 14.28 -12.46
N TYR B 193 -15.70 14.74 -11.25
CA TYR B 193 -16.83 14.83 -10.35
C TYR B 193 -17.72 15.95 -10.90
N LEU B 194 -17.11 17.05 -11.33
CA LEU B 194 -17.88 18.15 -11.88
C LEU B 194 -18.70 17.91 -13.16
N ASN B 195 -18.45 16.84 -13.89
CA ASN B 195 -19.32 16.53 -15.04
C ASN B 195 -20.36 15.65 -14.28
N ALA B 196 -20.07 14.37 -14.13
CA ALA B 196 -20.97 13.50 -13.38
C ALA B 196 -22.43 13.68 -13.79
N SER B 197 -23.25 14.01 -12.80
CA SER B 197 -24.69 14.24 -12.96
C SER B 197 -25.40 13.96 -11.62
C1 NAG C . 13.58 -5.99 13.66
C2 NAG C . 13.24 -5.03 14.81
C3 NAG C . 14.34 -3.98 14.98
C4 NAG C . 15.65 -4.71 15.25
C5 NAG C . 15.94 -5.55 14.04
C6 NAG C . 17.28 -6.27 14.17
C7 NAG C . 11.07 -4.29 15.58
C8 NAG C . 11.34 -3.27 16.69
N2 NAG C . 11.96 -4.37 14.58
O3 NAG C . 14.01 -3.17 16.09
O4 NAG C . 16.73 -3.79 15.47
O5 NAG C . 14.88 -6.54 13.86
O6 NAG C . 17.28 -7.16 15.28
O7 NAG C . 10.05 -4.99 15.64
C1 NAG C . 17.22 -3.78 16.75
C2 NAG C . 18.48 -2.98 16.76
C3 NAG C . 19.04 -2.87 18.18
C4 NAG C . 17.99 -2.27 19.15
C5 NAG C . 16.67 -3.03 18.97
C6 NAG C . 15.54 -2.33 19.69
C7 NAG C . 20.41 -2.94 15.41
C8 NAG C . 21.72 -2.95 16.20
N2 NAG C . 19.42 -3.64 15.91
O3 NAG C . 20.22 -2.08 18.17
O4 NAG C . 18.43 -2.46 20.53
O5 NAG C . 16.28 -3.12 17.58
O6 NAG C . 15.31 -1.06 19.09
O7 NAG C . 20.31 -2.27 14.37
C1 MAN C . 18.98 -1.47 21.38
C2 MAN C . 19.96 -0.52 20.66
C3 MAN C . 20.30 0.74 21.47
C4 MAN C . 19.10 1.29 22.25
C5 MAN C . 18.44 0.17 23.04
C6 MAN C . 17.26 0.66 23.94
O2 MAN C . 19.42 -0.10 19.42
O3 MAN C . 20.74 1.74 20.55
O4 MAN C . 19.51 2.34 23.11
O5 MAN C . 17.93 -0.79 22.08
O6 MAN C . 17.39 0.26 25.32
#